data_6GNT
#
_entry.id   6GNT
#
_cell.length_a   48.757
_cell.length_b   90.843
_cell.length_c   53.677
_cell.angle_alpha   90.000
_cell.angle_beta   114.850
_cell.angle_gamma   90.000
#
_symmetry.space_group_name_H-M   'P 1 21 1'
#
loop_
_entity.id
_entity.type
_entity.pdbx_description
1 polymer 'Glycylpeptide N-tetradecanoyltransferase'
2 non-polymer TETRADECANOYL-COA
3 non-polymer GLYCEROL
4 non-polymer 4-[4-(1-methylpiperidin-4-yl)butyl]-~{N}-(6-pyrrolidin-1-ylquinolin-5-yl)benzenesulfonamide
5 water water
#
_entity_poly.entity_id   1
_entity_poly.type   'polypeptide(L)'
_entity_poly.pdbx_seq_one_letter_code
;AHAFWSTQPVPQTEDETEKIVFAGPMDEPKTVADIPEEPYPIASTFEWWTPNMEAADDIHAIYELLRDNYVEDDDSMFRF
NYSEEFLQWALCPPNYIPDWHVAVRRKADKKLLAFIAGVPVTLRMGTPKYMKVKAQEKGEGEEAAKYDEPRHICEINFLC
VHKQLREKRLAPILIKEATRRVNRTNVWQAVYTAGVLLPTPYASGQYFHRSLNPEKLVEIRFSGIPAQYQKFQNPMAMLK
RNYQLPSAPKNSGLREMKPSDVPQVRRILMNYLDSFDVGPVFSDAEISHYLLPRDGVVFTYVVENDKKVTDFFSFYRIPS
TVIGNSNYNLLNAAYVHYYAATSIPLHQLILDLLIVAHSRGFDVCNMVEILDNRSFVEQLKFGAGDGHLRYYFYNWAYPK
IKPSQVALVML
;
_entity_poly.pdbx_strand_id   A
#
loop_
_chem_comp.id
_chem_comp.type
_chem_comp.name
_chem_comp.formula
F5Q non-polymer 4-[4-(1-methylpiperidin-4-yl)butyl]-~{N}-(6-pyrrolidin-1-ylquinolin-5-yl)benzenesulfonamide 'C29 H38 N4 O2 S'
GOL non-polymer GLYCEROL 'C3 H8 O3'
MYA non-polymer TETRADECANOYL-COA 'C35 H62 N7 O17 P3 S'
#
# COMPACT_ATOMS: atom_id res chain seq x y z
N ALA A 1 25.87 9.99 0.37
CA ALA A 1 25.39 11.14 -0.41
C ALA A 1 24.09 10.69 -1.10
N HIS A 2 23.13 11.59 -1.02
CA HIS A 2 21.94 11.51 -1.82
C HIS A 2 21.89 12.81 -2.60
N ALA A 3 22.39 12.79 -3.80
CA ALA A 3 22.43 13.98 -4.66
C ALA A 3 21.04 14.61 -4.90
N PHE A 4 20.02 13.75 -4.94
CA PHE A 4 18.61 14.21 -5.10
C PHE A 4 17.99 14.44 -3.72
N TRP A 5 17.93 13.42 -2.87
CA TRP A 5 17.17 13.57 -1.63
C TRP A 5 17.67 14.64 -0.64
N SER A 6 18.99 14.92 -0.71
CA SER A 6 19.58 15.99 0.12
C SER A 6 18.98 17.37 -0.22
N THR A 7 18.35 17.51 -1.38
CA THR A 7 17.77 18.83 -1.87
C THR A 7 16.27 18.97 -1.53
N GLN A 8 15.69 17.92 -0.95
CA GLN A 8 14.21 17.83 -0.78
C GLN A 8 13.81 18.09 0.67
N PRO A 9 12.56 18.54 0.89
CA PRO A 9 12.04 18.85 2.22
C PRO A 9 11.56 17.54 2.94
N VAL A 10 12.54 16.75 3.33
CA VAL A 10 12.37 15.54 4.19
C VAL A 10 13.50 15.55 5.24
N PRO A 11 13.26 15.00 6.40
CA PRO A 11 14.33 14.82 7.41
C PRO A 11 15.46 14.03 6.77
N GLN A 12 16.69 14.43 7.08
CA GLN A 12 17.82 13.87 6.29
C GLN A 12 18.48 12.60 6.92
N THR A 13 18.32 12.42 8.24
CA THR A 13 18.86 11.29 9.00
C THR A 13 17.93 10.74 10.06
N GLU A 14 18.15 9.48 10.48
CA GLU A 14 17.41 8.88 11.57
C GLU A 14 17.56 9.75 12.80
N ASP A 15 18.76 10.26 13.03
CA ASP A 15 18.98 11.17 14.17
C ASP A 15 18.06 12.40 14.15
N GLU A 16 18.02 13.12 13.04
CA GLU A 16 17.09 14.23 12.87
C GLU A 16 15.67 13.83 13.20
N THR A 17 15.22 12.71 12.64
CA THR A 17 13.86 12.21 12.87
C THR A 17 13.64 11.82 14.32
N GLU A 18 14.69 11.30 14.95
CA GLU A 18 14.56 10.93 16.33
C GLU A 18 14.32 12.17 17.22
N LYS A 19 14.75 13.34 16.77
CA LYS A 19 14.56 14.68 17.44
C LYS A 19 13.13 15.28 17.34
N ILE A 20 12.36 14.82 16.34
CA ILE A 20 11.07 15.45 16.01
C ILE A 20 10.03 15.14 17.03
N VAL A 21 9.31 16.22 17.39
CA VAL A 21 8.31 16.17 18.42
C VAL A 21 6.93 16.49 17.84
N PHE A 22 6.77 17.54 17.03
CA PHE A 22 5.43 17.84 16.58
C PHE A 22 5.32 17.62 15.09
N ALA A 23 4.10 17.28 14.63
CA ALA A 23 3.83 17.26 13.18
C ALA A 23 3.85 18.66 12.64
N GLY A 24 4.33 18.82 11.42
CA GLY A 24 4.24 20.04 10.71
C GLY A 24 5.04 20.08 9.42
N PRO A 25 4.84 21.13 8.62
CA PRO A 25 5.55 21.27 7.36
C PRO A 25 7.06 21.49 7.51
N MET A 26 7.83 21.10 6.51
CA MET A 26 9.30 21.34 6.55
C MET A 26 9.63 22.62 5.78
N ASP A 27 9.04 22.82 4.62
CA ASP A 27 9.42 23.91 3.66
C ASP A 27 8.83 25.22 4.11
N GLU A 28 9.45 26.31 3.58
CA GLU A 28 8.90 27.67 3.53
C GLU A 28 7.47 27.61 3.00
N PRO A 29 6.53 28.41 3.55
CA PRO A 29 5.23 28.34 2.83
C PRO A 29 5.33 28.92 1.41
N LYS A 30 4.60 28.32 0.49
CA LYS A 30 4.63 28.71 -0.91
C LYS A 30 3.22 28.82 -1.33
N THR A 31 3.01 29.44 -2.47
CA THR A 31 1.75 29.59 -3.05
C THR A 31 1.72 28.99 -4.45
N VAL A 32 0.58 28.61 -4.93
CA VAL A 32 0.47 28.07 -6.26
C VAL A 32 1.15 28.97 -7.35
N ALA A 33 0.97 30.30 -7.22
CA ALA A 33 1.48 31.18 -8.22
C ALA A 33 3.02 31.18 -8.23
N ASP A 34 3.67 30.72 -7.15
CA ASP A 34 5.17 30.62 -7.12
C ASP A 34 5.64 29.46 -8.00
N ILE A 35 4.75 28.50 -8.26
CA ILE A 35 5.16 27.25 -8.90
C ILE A 35 5.18 27.29 -10.40
N PRO A 36 6.28 26.83 -11.07
CA PRO A 36 6.30 26.94 -12.53
C PRO A 36 5.04 26.40 -13.22
N GLU A 37 4.55 27.13 -14.21
CA GLU A 37 3.38 26.70 -14.99
C GLU A 37 3.69 25.59 -15.98
N GLU A 38 4.95 25.54 -16.44
CA GLU A 38 5.40 24.67 -17.51
C GLU A 38 6.05 23.38 -16.93
N PRO A 39 5.88 22.26 -17.61
CA PRO A 39 6.50 21.04 -17.12
C PRO A 39 8.02 21.19 -17.03
N TYR A 40 8.61 20.42 -16.16
CA TYR A 40 10.01 20.39 -15.96
C TYR A 40 10.73 20.01 -17.28
N PRO A 41 11.83 20.69 -17.66
CA PRO A 41 12.53 20.33 -18.89
C PRO A 41 13.02 18.88 -18.92
N ILE A 42 12.88 18.24 -20.06
CA ILE A 42 13.44 16.88 -20.28
C ILE A 42 14.06 16.80 -21.68
N ALA A 43 14.96 15.87 -21.85
CA ALA A 43 15.64 15.65 -23.14
C ALA A 43 14.67 15.69 -24.31
N SER A 44 15.13 16.21 -25.47
CA SER A 44 14.25 16.47 -26.62
C SER A 44 13.74 15.16 -27.26
N THR A 45 14.39 14.03 -26.95
CA THR A 45 14.00 12.74 -27.45
C THR A 45 12.82 12.20 -26.64
N PHE A 46 12.58 12.82 -25.50
CA PHE A 46 11.46 12.36 -24.61
C PHE A 46 10.34 13.36 -24.57
N GLU A 47 9.15 12.92 -24.12
CA GLU A 47 8.04 13.86 -23.87
C GLU A 47 7.31 13.43 -22.60
N TRP A 48 6.75 14.39 -21.94
CA TRP A 48 5.77 14.12 -20.85
C TRP A 48 4.46 13.67 -21.45
N TRP A 49 3.76 12.76 -20.74
CA TRP A 49 2.48 12.25 -21.18
C TRP A 49 1.61 12.03 -19.98
N THR A 50 0.38 12.49 -20.06
CA THR A 50 -0.61 12.29 -19.00
C THR A 50 -1.54 11.23 -19.55
N PRO A 51 -1.41 9.99 -19.11
CA PRO A 51 -2.24 8.90 -19.63
C PRO A 51 -3.71 9.19 -19.26
N ASN A 52 -4.61 8.69 -20.11
CA ASN A 52 -6.05 8.75 -19.84
C ASN A 52 -6.43 7.38 -19.24
N MET A 53 -6.74 7.38 -17.95
CA MET A 53 -7.00 6.14 -17.30
C MET A 53 -8.34 5.56 -17.63
N GLU A 54 -9.12 6.22 -18.47
CA GLU A 54 -10.39 5.73 -18.98
C GLU A 54 -10.11 5.00 -20.33
N ALA A 55 -8.88 5.11 -20.84
CA ALA A 55 -8.54 4.46 -22.10
C ALA A 55 -7.84 3.15 -21.90
N ALA A 56 -8.44 2.09 -22.42
CA ALA A 56 -7.90 0.78 -22.31
C ALA A 56 -6.49 0.64 -22.79
N ASP A 57 -6.15 1.35 -23.87
CA ASP A 57 -4.87 1.23 -24.40
C ASP A 57 -3.80 1.97 -23.50
N ASP A 58 -4.16 3.04 -22.83
CA ASP A 58 -3.23 3.79 -21.97
C ASP A 58 -3.01 2.91 -20.70
N ILE A 59 -4.09 2.30 -20.22
CA ILE A 59 -3.94 1.42 -19.02
C ILE A 59 -3.09 0.25 -19.41
N HIS A 60 -3.26 -0.32 -20.61
CA HIS A 60 -2.39 -1.40 -21.04
C HIS A 60 -0.91 -1.03 -21.14
N ALA A 61 -0.62 0.17 -21.65
CA ALA A 61 0.75 0.60 -21.69
C ALA A 61 1.42 0.64 -20.28
N ILE A 62 0.68 1.20 -19.34
CA ILE A 62 1.15 1.24 -17.93
C ILE A 62 1.33 -0.15 -17.42
N TYR A 63 0.30 -0.99 -17.60
CA TYR A 63 0.32 -2.41 -17.22
C TYR A 63 1.60 -3.15 -17.69
N GLU A 64 1.98 -2.94 -18.96
CA GLU A 64 3.13 -3.62 -19.54
C GLU A 64 4.45 -3.10 -18.95
N LEU A 65 4.51 -1.79 -18.78
CA LEU A 65 5.70 -1.18 -18.18
C LEU A 65 5.90 -1.84 -16.78
N LEU A 66 4.83 -1.85 -16.00
CA LEU A 66 5.00 -2.41 -14.61
C LEU A 66 5.23 -3.88 -14.60
N ARG A 67 4.57 -4.62 -15.50
CA ARG A 67 4.72 -6.07 -15.52
C ARG A 67 6.21 -6.38 -15.72
N ASP A 68 6.88 -5.63 -16.57
CA ASP A 68 8.25 -6.03 -16.90
C ASP A 68 9.33 -5.31 -16.11
N ASN A 69 8.95 -4.25 -15.37
CA ASN A 69 9.98 -3.37 -14.82
C ASN A 69 9.68 -2.90 -13.36
N TYR A 70 8.56 -3.33 -12.79
CA TYR A 70 8.21 -2.87 -11.43
C TYR A 70 8.92 -3.66 -10.39
N VAL A 71 8.46 -3.61 -9.16
CA VAL A 71 9.18 -4.09 -7.99
C VAL A 71 9.40 -5.59 -8.00
N GLU A 72 10.66 -5.98 -7.78
CA GLU A 72 11.12 -7.37 -7.47
C GLU A 72 11.56 -7.52 -6.08
N ASP A 73 11.52 -8.75 -5.59
CA ASP A 73 12.19 -8.91 -4.28
C ASP A 73 13.74 -8.94 -4.41
N ASP A 74 14.37 -8.91 -3.24
CA ASP A 74 15.85 -8.75 -3.17
C ASP A 74 16.55 -9.79 -3.99
N ASP A 75 16.02 -11.02 -4.00
CA ASP A 75 16.64 -12.07 -4.85
C ASP A 75 16.03 -12.34 -6.11
N SER A 76 15.15 -11.42 -6.53
CA SER A 76 14.62 -11.55 -7.88
C SER A 76 13.91 -12.90 -8.14
N MET A 77 13.16 -13.32 -7.15
CA MET A 77 12.32 -14.49 -7.30
C MET A 77 10.91 -14.09 -7.83
N PHE A 78 10.48 -12.84 -7.54
CA PHE A 78 9.11 -12.43 -7.83
C PHE A 78 9.14 -11.03 -8.42
N ARG A 79 8.22 -10.71 -9.34
CA ARG A 79 8.01 -9.29 -9.65
C ARG A 79 6.48 -9.06 -9.66
N PHE A 80 6.04 -7.95 -9.07
CA PHE A 80 4.56 -7.75 -9.03
C PHE A 80 4.00 -7.62 -10.46
N ASN A 81 2.78 -8.17 -10.64
CA ASN A 81 2.08 -8.13 -11.91
C ASN A 81 0.66 -7.60 -11.69
N TYR A 82 0.58 -6.34 -11.29
CA TYR A 82 -0.70 -5.67 -11.13
C TYR A 82 -1.50 -5.79 -12.41
N SER A 83 -2.77 -6.08 -12.26
CA SER A 83 -3.57 -6.25 -13.50
C SER A 83 -4.09 -4.90 -14.00
N GLU A 84 -4.49 -4.88 -15.28
CA GLU A 84 -5.12 -3.65 -15.83
C GLU A 84 -6.35 -3.18 -15.06
N GLU A 85 -7.19 -4.15 -14.64
CA GLU A 85 -8.37 -3.78 -13.88
C GLU A 85 -7.99 -3.22 -12.49
N PHE A 86 -6.94 -3.82 -11.93
CA PHE A 86 -6.44 -3.33 -10.65
C PHE A 86 -5.93 -1.91 -10.80
N LEU A 87 -5.15 -1.64 -11.85
CA LEU A 87 -4.60 -0.29 -12.07
C LEU A 87 -5.71 0.74 -12.24
N GLN A 88 -6.73 0.42 -13.02
CA GLN A 88 -7.83 1.38 -13.19
C GLN A 88 -8.50 1.67 -11.84
N TRP A 89 -8.65 0.65 -10.99
CA TRP A 89 -9.21 0.84 -9.64
C TRP A 89 -8.33 1.74 -8.76
N ALA A 90 -7.02 1.42 -8.74
CA ALA A 90 -6.14 2.11 -7.82
C ALA A 90 -5.89 3.55 -8.27
N LEU A 91 -5.84 3.73 -9.58
CA LEU A 91 -5.41 5.08 -10.09
C LEU A 91 -6.58 6.01 -10.19
N CYS A 92 -7.80 5.49 -10.22
CA CYS A 92 -9.00 6.34 -10.41
C CYS A 92 -10.06 6.40 -9.30
N PRO A 93 -9.64 6.69 -8.07
CA PRO A 93 -10.58 6.77 -6.95
C PRO A 93 -11.44 8.07 -7.06
N PRO A 94 -12.45 8.24 -6.25
CA PRO A 94 -13.27 9.46 -6.30
C PRO A 94 -12.41 10.73 -6.25
N ASN A 95 -12.75 11.63 -7.16
CA ASN A 95 -12.12 12.95 -7.23
C ASN A 95 -10.61 12.92 -7.56
N TYR A 96 -10.17 11.86 -8.18
CA TYR A 96 -8.77 11.81 -8.64
C TYR A 96 -8.46 12.91 -9.66
N ILE A 97 -7.19 13.24 -9.77
CA ILE A 97 -6.80 14.39 -10.57
C ILE A 97 -6.02 13.76 -11.74
N PRO A 98 -6.54 13.81 -12.95
CA PRO A 98 -5.86 13.13 -14.00
C PRO A 98 -4.36 13.60 -14.21
N ASP A 99 -4.13 14.88 -13.94
CA ASP A 99 -2.81 15.53 -14.14
C ASP A 99 -1.75 14.91 -13.21
N TRP A 100 -2.20 14.31 -12.11
CA TRP A 100 -1.20 13.73 -11.21
C TRP A 100 -0.66 12.37 -11.67
N HIS A 101 -1.14 11.83 -12.75
CA HIS A 101 -0.56 10.62 -13.31
C HIS A 101 0.46 11.08 -14.32
N VAL A 102 1.73 10.72 -14.18
CA VAL A 102 2.82 11.37 -14.95
C VAL A 102 3.63 10.30 -15.57
N ALA A 103 3.75 10.37 -16.89
CA ALA A 103 4.54 9.43 -17.63
C ALA A 103 5.57 10.11 -18.56
N VAL A 104 6.63 9.35 -18.87
CA VAL A 104 7.62 9.84 -19.86
C VAL A 104 7.56 8.79 -20.96
N ARG A 105 7.40 9.29 -22.20
CA ARG A 105 7.47 8.43 -23.39
C ARG A 105 8.57 8.92 -24.34
N ARG A 106 9.09 7.96 -25.09
CA ARG A 106 10.05 8.25 -26.20
C ARG A 106 9.24 8.90 -27.29
N LYS A 107 9.66 10.04 -27.74
CA LYS A 107 8.88 10.81 -28.67
C LYS A 107 8.68 10.06 -30.02
N ALA A 108 9.74 9.45 -30.48
CA ALA A 108 9.71 8.85 -31.83
C ALA A 108 8.58 7.82 -31.96
N ASP A 109 8.54 6.86 -31.03
CA ASP A 109 7.63 5.68 -31.16
C ASP A 109 6.55 5.57 -30.04
N LYS A 110 6.57 6.52 -29.12
CA LYS A 110 5.62 6.60 -27.99
C LYS A 110 5.77 5.45 -27.02
N LYS A 111 6.93 4.84 -27.02
CA LYS A 111 7.25 3.81 -26.01
C LYS A 111 7.25 4.44 -24.60
N LEU A 112 6.45 3.87 -23.71
CA LEU A 112 6.43 4.33 -22.28
C LEU A 112 7.73 3.89 -21.61
N LEU A 113 8.43 4.85 -20.97
CA LEU A 113 9.74 4.56 -20.43
C LEU A 113 9.75 4.73 -18.88
N ALA A 114 8.76 5.43 -18.40
CA ALA A 114 8.75 5.78 -16.94
C ALA A 114 7.38 6.27 -16.50
N PHE A 115 7.05 6.08 -15.22
CA PHE A 115 5.70 6.40 -14.78
C PHE A 115 5.78 6.73 -13.29
N ILE A 116 4.92 7.65 -12.83
CA ILE A 116 4.71 7.86 -11.35
C ILE A 116 3.28 8.27 -11.20
N ALA A 117 2.59 7.82 -10.15
CA ALA A 117 1.15 8.13 -10.04
C ALA A 117 0.91 8.80 -8.68
N GLY A 118 0.10 9.84 -8.67
CA GLY A 118 -0.39 10.42 -7.42
C GLY A 118 -1.90 10.31 -7.38
N VAL A 119 -2.47 9.97 -6.21
CA VAL A 119 -3.93 10.00 -6.01
C VAL A 119 -4.23 10.87 -4.78
N PRO A 120 -5.40 11.45 -4.71
CA PRO A 120 -5.72 12.16 -3.52
C PRO A 120 -6.02 11.22 -2.34
N VAL A 121 -5.70 11.62 -1.15
CA VAL A 121 -6.06 10.87 0.09
C VAL A 121 -6.32 11.93 1.16
N THR A 122 -7.36 11.69 2.00
CA THR A 122 -7.53 12.57 3.15
C THR A 122 -6.93 11.84 4.33
N LEU A 123 -5.87 12.41 4.95
CA LEU A 123 -5.08 11.65 5.91
C LEU A 123 -5.08 12.40 7.27
N ARG A 124 -5.23 11.70 8.38
CA ARG A 124 -4.90 12.21 9.73
C ARG A 124 -3.40 12.00 9.85
N MET A 125 -2.69 13.06 10.15
CA MET A 125 -1.27 13.05 10.21
C MET A 125 -0.80 14.15 11.18
N GLY A 126 -1.65 14.40 12.18
CA GLY A 126 -1.19 15.30 13.27
C GLY A 126 -0.27 14.58 14.24
N THR A 127 0.30 15.34 15.19
CA THR A 127 1.13 14.75 16.20
C THR A 127 0.65 13.49 16.93
N PRO A 128 1.47 12.43 16.94
CA PRO A 128 1.03 11.19 17.58
C PRO A 128 0.61 11.38 19.06
N LYS A 129 -0.30 10.53 19.54
CA LYS A 129 -0.70 10.45 20.96
C LYS A 129 0.50 10.52 21.96
N TYR A 130 1.55 9.70 21.77
CA TYR A 130 2.69 9.64 22.72
C TYR A 130 3.44 11.00 22.80
N MET A 131 3.41 11.78 21.73
CA MET A 131 4.02 13.11 21.80
C MET A 131 3.04 14.16 22.27
N LYS A 132 1.77 14.04 21.89
CA LYS A 132 0.77 14.94 22.46
C LYS A 132 0.86 14.88 24.02
N VAL A 133 1.26 13.73 24.59
CA VAL A 133 1.59 13.58 26.04
C VAL A 133 2.81 14.38 26.53
N LYS A 134 4.00 14.14 25.99
CA LYS A 134 5.13 15.02 26.27
C LYS A 134 4.74 16.51 26.11
N ALA A 135 3.80 16.82 25.21
CA ALA A 135 3.50 18.20 24.96
C ALA A 135 2.68 18.81 26.09
N GLN A 136 1.88 18.01 26.76
CA GLN A 136 1.02 18.48 27.89
C GLN A 136 1.79 18.70 29.13
N GLU A 137 2.51 17.66 29.56
CA GLU A 137 3.42 17.76 30.71
C GLU A 137 4.18 19.11 30.63
N LYS A 138 4.82 19.35 29.48
CA LYS A 138 5.52 20.58 29.09
C LYS A 138 4.75 21.91 28.78
N GLY A 139 3.41 21.94 28.83
CA GLY A 139 2.58 23.13 28.44
C GLY A 139 2.31 23.57 26.97
N GLU A 140 2.62 22.72 25.98
CA GLU A 140 2.50 23.11 24.54
C GLU A 140 1.42 22.37 23.71
N GLY A 141 0.23 22.19 24.32
CA GLY A 141 -0.83 21.46 23.64
C GLY A 141 -1.34 22.04 22.36
N GLU A 142 -1.50 23.37 22.25
CA GLU A 142 -2.08 23.91 21.08
C GLU A 142 -1.12 23.65 19.91
N GLU A 143 0.16 23.79 20.16
CA GLU A 143 1.13 23.63 19.09
C GLU A 143 1.12 22.17 18.65
N ALA A 144 1.05 21.27 19.62
CA ALA A 144 1.11 19.85 19.28
C ALA A 144 -0.13 19.47 18.48
N ALA A 145 -1.23 20.18 18.71
CA ALA A 145 -2.48 19.83 18.06
C ALA A 145 -2.81 20.59 16.78
N LYS A 146 -1.98 21.56 16.40
CA LYS A 146 -2.24 22.50 15.31
C LYS A 146 -2.67 21.79 14.03
N TYR A 147 -2.11 20.58 13.75
CA TYR A 147 -2.34 19.96 12.43
C TYR A 147 -3.14 18.66 12.57
N ASP A 148 -4.05 18.58 13.56
CA ASP A 148 -4.88 17.41 13.81
C ASP A 148 -5.98 17.16 12.76
N GLU A 149 -6.48 18.22 12.11
CA GLU A 149 -7.60 18.08 11.18
C GLU A 149 -7.05 17.23 10.01
N PRO A 150 -7.85 16.29 9.47
CA PRO A 150 -7.44 15.52 8.30
C PRO A 150 -7.05 16.46 7.19
N ARG A 151 -5.94 16.15 6.53
CA ARG A 151 -5.44 16.96 5.40
C ARG A 151 -5.69 16.28 4.06
N HIS A 152 -5.98 17.07 3.06
CA HIS A 152 -6.21 16.51 1.70
C HIS A 152 -4.83 16.61 1.01
N ILE A 153 -4.20 15.45 0.88
CA ILE A 153 -2.80 15.37 0.39
C ILE A 153 -2.73 14.37 -0.78
N CYS A 154 -1.51 14.12 -1.21
CA CYS A 154 -1.24 13.23 -2.31
C CYS A 154 -0.63 11.93 -1.77
N GLU A 155 -1.02 10.81 -2.37
CA GLU A 155 -0.38 9.52 -2.10
C GLU A 155 0.32 9.09 -3.38
N ILE A 156 1.61 8.85 -3.29
CA ILE A 156 2.44 8.51 -4.48
C ILE A 156 2.65 7.00 -4.57
N ASN A 157 2.45 6.43 -5.78
CA ASN A 157 2.68 4.98 -5.97
C ASN A 157 3.08 4.73 -7.41
N PHE A 158 3.50 3.50 -7.65
CA PHE A 158 3.81 3.03 -8.98
C PHE A 158 4.94 3.76 -9.69
N LEU A 159 5.86 4.34 -8.94
CA LEU A 159 7.10 4.89 -9.55
C LEU A 159 7.83 3.76 -10.25
N CYS A 160 8.17 3.97 -11.52
CA CYS A 160 8.83 2.86 -12.30
C CYS A 160 9.61 3.44 -13.50
N VAL A 161 10.90 3.13 -13.56
CA VAL A 161 11.73 3.48 -14.72
C VAL A 161 12.04 2.13 -15.46
N HIS A 162 11.86 2.14 -16.78
CA HIS A 162 12.18 0.95 -17.59
C HIS A 162 13.66 0.50 -17.31
N LYS A 163 13.81 -0.82 -17.22
CA LYS A 163 15.14 -1.40 -16.93
C LYS A 163 16.24 -0.86 -17.88
N GLN A 164 15.84 -0.47 -19.10
CA GLN A 164 16.86 0.03 -20.09
C GLN A 164 17.40 1.38 -19.73
N LEU A 165 16.66 2.05 -18.86
CA LEU A 165 16.92 3.46 -18.55
C LEU A 165 17.30 3.66 -17.11
N ARG A 166 17.60 2.58 -16.40
CA ARG A 166 18.01 2.68 -15.01
C ARG A 166 19.32 3.47 -14.80
N GLU A 167 19.39 4.15 -13.66
CA GLU A 167 20.59 4.87 -13.16
C GLU A 167 21.00 5.94 -14.12
N LYS A 168 20.02 6.58 -14.73
CA LYS A 168 20.26 7.72 -15.60
C LYS A 168 19.64 8.99 -14.98
N ARG A 169 19.26 8.89 -13.69
CA ARG A 169 18.75 10.03 -12.89
C ARG A 169 17.37 10.44 -13.39
N LEU A 170 16.62 9.53 -14.01
CA LEU A 170 15.25 9.80 -14.45
C LEU A 170 14.25 9.86 -13.29
N ALA A 171 14.50 9.04 -12.28
CA ALA A 171 13.56 9.01 -11.12
C ALA A 171 13.41 10.43 -10.46
N PRO A 172 14.55 11.16 -10.21
CA PRO A 172 14.44 12.52 -9.66
C PRO A 172 13.60 13.45 -10.57
N ILE A 173 13.66 13.28 -11.91
CA ILE A 173 12.92 14.21 -12.74
C ILE A 173 11.43 13.90 -12.62
N LEU A 174 11.09 12.59 -12.61
CA LEU A 174 9.70 12.19 -12.41
C LEU A 174 9.15 12.73 -11.12
N ILE A 175 9.93 12.62 -10.05
CA ILE A 175 9.52 13.00 -8.73
C ILE A 175 9.34 14.55 -8.73
N LYS A 176 10.26 15.25 -9.35
CA LYS A 176 10.14 16.75 -9.44
C LYS A 176 8.91 17.18 -10.22
N GLU A 177 8.57 16.49 -11.29
CA GLU A 177 7.47 16.87 -12.09
C GLU A 177 6.19 16.51 -11.38
N ALA A 178 6.09 15.37 -10.73
CA ALA A 178 4.91 15.12 -9.93
C ALA A 178 4.71 16.14 -8.82
N THR A 179 5.79 16.51 -8.17
CA THR A 179 5.74 17.49 -7.08
C THR A 179 5.18 18.80 -7.66
N ARG A 180 5.65 19.18 -8.82
CA ARG A 180 5.18 20.44 -9.45
C ARG A 180 3.66 20.36 -9.72
N ARG A 181 3.21 19.24 -10.35
CA ARG A 181 1.76 19.13 -10.65
C ARG A 181 0.89 19.10 -9.40
N VAL A 182 1.34 18.45 -8.32
CA VAL A 182 0.58 18.42 -7.07
C VAL A 182 0.62 19.82 -6.44
N ASN A 183 1.78 20.47 -6.39
CA ASN A 183 1.82 21.81 -5.79
C ASN A 183 0.95 22.80 -6.58
N ARG A 184 0.81 22.59 -7.91
CA ARG A 184 -0.02 23.49 -8.77
C ARG A 184 -1.51 23.34 -8.36
N THR A 185 -1.82 22.27 -7.64
CA THR A 185 -3.17 22.02 -7.13
C THR A 185 -3.32 22.49 -5.68
N ASN A 186 -2.34 23.23 -5.18
CA ASN A 186 -2.30 23.72 -3.79
C ASN A 186 -2.28 22.58 -2.76
N VAL A 187 -1.51 21.51 -3.12
CA VAL A 187 -1.20 20.42 -2.19
C VAL A 187 0.31 20.38 -1.93
N TRP A 188 0.69 20.26 -0.65
CA TRP A 188 2.10 20.51 -0.29
C TRP A 188 2.75 19.36 0.47
N GLN A 189 1.92 18.36 0.80
CA GLN A 189 2.43 17.12 1.44
C GLN A 189 2.06 15.93 0.60
N ALA A 190 2.91 14.89 0.74
CA ALA A 190 2.59 13.58 0.16
C ALA A 190 2.91 12.49 1.17
N VAL A 191 2.28 11.35 0.97
CA VAL A 191 2.69 10.16 1.68
C VAL A 191 3.05 9.13 0.67
N TYR A 192 4.05 8.32 1.02
CA TYR A 192 4.48 7.20 0.06
C TYR A 192 5.14 6.12 0.91
N THR A 193 5.13 4.90 0.38
CA THR A 193 5.84 3.77 0.97
C THR A 193 6.85 3.24 -0.07
N ALA A 194 7.89 2.55 0.46
CA ALA A 194 8.88 1.88 -0.42
C ALA A 194 9.44 0.71 0.35
N GLY A 195 9.96 -0.24 -0.36
CA GLY A 195 10.66 -1.38 0.28
C GLY A 195 12.10 -1.06 0.46
N VAL A 196 12.58 0.11 0.10
CA VAL A 196 14.01 0.49 0.22
C VAL A 196 14.06 1.60 1.28
N LEU A 197 15.25 1.75 1.87
CA LEU A 197 15.48 2.81 2.86
C LEU A 197 15.93 4.04 2.20
N LEU A 198 15.17 5.13 2.43
CA LEU A 198 15.43 6.47 1.90
C LEU A 198 15.36 7.44 3.07
N PRO A 199 15.81 8.70 2.83
CA PRO A 199 15.62 9.63 3.94
C PRO A 199 14.16 10.08 3.99
N THR A 200 13.43 9.95 5.11
CA THR A 200 13.76 9.11 6.28
C THR A 200 12.36 8.63 6.73
N PRO A 201 12.20 7.32 6.98
CA PRO A 201 10.85 6.81 7.28
C PRO A 201 10.38 7.27 8.63
N TYR A 202 9.09 7.48 8.74
CA TYR A 202 8.50 7.62 10.08
C TYR A 202 8.04 6.30 10.67
N ALA A 203 7.98 5.23 9.86
CA ALA A 203 7.62 3.95 10.42
C ALA A 203 8.13 2.89 9.46
N SER A 204 8.32 1.67 9.95
CA SER A 204 8.71 0.55 9.05
CA SER A 204 8.81 0.51 9.12
C SER A 204 8.17 -0.74 9.64
N GLY A 205 7.75 -1.61 8.77
CA GLY A 205 7.22 -2.89 9.26
C GLY A 205 7.57 -4.04 8.39
N GLN A 206 7.63 -5.25 8.96
CA GLN A 206 7.89 -6.44 8.14
C GLN A 206 6.71 -6.89 7.38
N TYR A 207 6.95 -7.58 6.27
CA TYR A 207 5.90 -8.33 5.59
C TYR A 207 5.71 -9.67 6.24
N PHE A 208 4.48 -10.16 6.21
CA PHE A 208 4.11 -11.52 6.70
C PHE A 208 3.28 -12.21 5.68
N HIS A 209 3.43 -13.55 5.54
CA HIS A 209 2.65 -14.29 4.52
C HIS A 209 2.09 -15.54 5.14
N ARG A 210 1.00 -16.02 4.58
CA ARG A 210 0.34 -17.21 5.05
C ARG A 210 0.09 -18.10 3.89
N SER A 211 0.74 -19.27 3.88
CA SER A 211 0.59 -20.25 2.79
C SER A 211 -0.84 -20.76 2.66
N LEU A 212 -1.41 -20.68 1.48
CA LEU A 212 -2.75 -21.21 1.26
C LEU A 212 -2.65 -22.51 0.39
N ASN A 213 -1.69 -22.52 -0.54
CA ASN A 213 -1.44 -23.66 -1.44
C ASN A 213 0.03 -24.06 -1.32
N PRO A 214 0.34 -24.84 -0.27
CA PRO A 214 1.75 -25.08 0.07
C PRO A 214 2.51 -25.89 -0.95
N GLU A 215 1.81 -26.74 -1.71
CA GLU A 215 2.50 -27.57 -2.69
C GLU A 215 3.20 -26.61 -3.69
N LYS A 216 2.46 -25.58 -4.16
CA LYS A 216 2.98 -24.63 -5.12
C LYS A 216 4.06 -23.74 -4.48
N LEU A 217 3.71 -23.14 -3.37
CA LEU A 217 4.69 -22.31 -2.65
C LEU A 217 6.08 -22.89 -2.34
N VAL A 218 6.13 -24.12 -1.80
CA VAL A 218 7.43 -24.74 -1.51
C VAL A 218 8.20 -25.02 -2.79
N GLU A 219 7.48 -25.40 -3.88
CA GLU A 219 8.04 -25.67 -5.22
C GLU A 219 8.83 -24.40 -5.73
N ILE A 220 8.23 -23.23 -5.59
CA ILE A 220 8.99 -21.98 -5.78
C ILE A 220 9.89 -21.75 -4.54
N ARG A 221 10.99 -22.53 -4.47
CA ARG A 221 12.09 -22.52 -3.41
C ARG A 221 12.46 -23.81 -2.53
N PHE A 222 12.81 -25.01 -3.07
CA PHE A 222 12.27 -25.71 -4.25
C PHE A 222 12.13 -27.22 -3.82
N SER A 223 11.43 -27.49 -2.70
CA SER A 223 11.35 -28.84 -2.03
C SER A 223 12.71 -29.42 -1.55
N GLY A 224 12.71 -30.14 -0.42
CA GLY A 224 13.98 -30.64 0.16
C GLY A 224 14.26 -30.54 1.67
N ILE A 225 13.94 -29.44 2.37
CA ILE A 225 13.32 -28.15 1.88
C ILE A 225 11.75 -28.09 1.83
N PRO A 226 11.14 -27.13 2.60
CA PRO A 226 11.78 -26.40 3.68
C PRO A 226 12.70 -27.29 4.53
N ALA A 227 13.76 -26.68 5.06
CA ALA A 227 14.75 -27.41 5.86
C ALA A 227 14.06 -28.34 6.86
N GLN A 228 13.23 -27.74 7.70
CA GLN A 228 12.61 -28.42 8.83
C GLN A 228 11.67 -29.60 8.46
N TYR A 229 11.12 -29.60 7.25
CA TYR A 229 10.18 -30.68 6.83
C TYR A 229 10.80 -32.01 6.32
N GLN A 230 11.95 -31.95 5.63
CA GLN A 230 12.69 -33.17 5.21
C GLN A 230 12.75 -34.24 6.32
N LYS A 231 12.89 -33.76 7.56
CA LYS A 231 13.08 -34.57 8.76
C LYS A 231 12.00 -35.62 9.05
N PHE A 232 10.95 -35.69 8.24
CA PHE A 232 10.00 -36.81 8.35
C PHE A 232 9.47 -37.35 7.01
N GLN A 233 8.51 -38.26 7.12
CA GLN A 233 8.24 -39.27 6.10
C GLN A 233 7.43 -38.76 4.90
N ASN A 234 6.13 -38.46 5.10
CA ASN A 234 5.32 -37.88 4.02
C ASN A 234 5.37 -36.32 4.15
N PRO A 235 6.50 -35.66 3.76
CA PRO A 235 6.68 -34.24 4.14
C PRO A 235 5.66 -33.26 3.46
N MET A 236 5.40 -33.48 2.16
CA MET A 236 4.32 -32.78 1.47
C MET A 236 2.97 -32.97 2.17
N ALA A 237 2.69 -34.19 2.63
CA ALA A 237 1.44 -34.42 3.38
C ALA A 237 1.43 -33.64 4.72
N MET A 238 2.58 -33.58 5.40
CA MET A 238 2.67 -32.83 6.61
C MET A 238 2.50 -31.32 6.35
N LEU A 239 3.14 -30.84 5.28
CA LEU A 239 2.98 -29.42 4.90
C LEU A 239 1.52 -29.10 4.60
N LYS A 240 0.86 -29.91 3.78
CA LYS A 240 -0.57 -29.68 3.48
C LYS A 240 -1.43 -29.73 4.72
N ARG A 241 -1.13 -30.68 5.60
CA ARG A 241 -1.86 -30.83 6.85
C ARG A 241 -1.64 -29.57 7.73
N ASN A 242 -0.43 -29.05 7.77
CA ASN A 242 -0.20 -27.92 8.59
C ASN A 242 -0.99 -26.69 8.14
N TYR A 243 -1.14 -26.51 6.85
CA TYR A 243 -1.74 -25.27 6.36
C TYR A 243 -3.18 -25.40 5.90
N GLN A 244 -3.76 -26.60 6.06
CA GLN A 244 -5.13 -26.77 5.67
C GLN A 244 -6.13 -25.87 6.36
N LEU A 245 -7.17 -25.55 5.59
CA LEU A 245 -8.22 -24.62 6.03
C LEU A 245 -9.58 -25.18 5.71
N PRO A 246 -10.56 -24.77 6.49
CA PRO A 246 -11.93 -25.17 6.12
C PRO A 246 -12.39 -24.71 4.74
N SER A 247 -13.35 -25.42 4.15
CA SER A 247 -13.93 -25.09 2.83
C SER A 247 -14.87 -23.87 2.86
N ALA A 248 -15.45 -23.58 4.01
CA ALA A 248 -16.41 -22.51 4.14
C ALA A 248 -16.20 -21.71 5.37
N PRO A 249 -16.51 -20.42 5.34
CA PRO A 249 -16.40 -19.51 6.49
C PRO A 249 -17.10 -20.04 7.71
N LYS A 250 -16.52 -19.77 8.86
CA LYS A 250 -17.04 -20.28 10.13
C LYS A 250 -18.06 -19.30 10.72
N ASN A 251 -17.99 -18.03 10.38
CA ASN A 251 -18.84 -17.04 11.05
C ASN A 251 -20.18 -17.03 10.38
N SER A 252 -21.22 -17.44 11.12
CA SER A 252 -22.53 -17.37 10.54
C SER A 252 -22.76 -15.85 10.46
N GLY A 253 -23.38 -15.48 9.41
CA GLY A 253 -23.62 -14.07 9.23
C GLY A 253 -22.67 -13.53 8.16
N LEU A 254 -21.56 -14.24 7.87
CA LEU A 254 -20.68 -13.69 6.82
C LEU A 254 -21.26 -13.76 5.44
N ARG A 255 -21.13 -12.65 4.69
CA ARG A 255 -21.55 -12.63 3.28
C ARG A 255 -20.79 -11.50 2.53
N GLU A 256 -20.81 -11.52 1.18
CA GLU A 256 -20.15 -10.43 0.42
C GLU A 256 -20.80 -9.12 0.77
N MET A 257 -20.05 -8.05 0.84
CA MET A 257 -20.58 -6.68 0.95
C MET A 257 -21.33 -6.24 -0.26
N LYS A 258 -22.39 -5.47 0.01
CA LYS A 258 -23.27 -4.95 -1.01
C LYS A 258 -23.36 -3.43 -0.87
N PRO A 259 -23.84 -2.72 -1.91
CA PRO A 259 -23.89 -1.28 -1.84
C PRO A 259 -24.60 -0.70 -0.55
N SER A 260 -25.72 -1.30 -0.11
CA SER A 260 -26.40 -0.73 1.02
C SER A 260 -25.62 -0.87 2.32
N ASP A 261 -24.54 -1.67 2.33
CA ASP A 261 -23.70 -1.79 3.52
C ASP A 261 -22.75 -0.62 3.65
N VAL A 262 -22.63 0.19 2.61
CA VAL A 262 -21.61 1.31 2.62
C VAL A 262 -21.61 2.19 3.91
N PRO A 263 -22.78 2.73 4.34
CA PRO A 263 -22.77 3.54 5.52
C PRO A 263 -22.30 2.87 6.82
N GLN A 264 -22.74 1.61 7.03
CA GLN A 264 -22.38 0.87 8.19
C GLN A 264 -20.88 0.52 8.19
N VAL A 265 -20.42 0.12 7.01
CA VAL A 265 -18.96 -0.23 6.87
C VAL A 265 -18.13 1.02 7.15
N ARG A 266 -18.51 2.15 6.55
CA ARG A 266 -17.85 3.42 6.76
C ARG A 266 -17.78 3.68 8.24
N ARG A 267 -18.91 3.64 8.90
CA ARG A 267 -18.87 3.88 10.35
C ARG A 267 -17.99 2.97 11.20
N ILE A 268 -18.07 1.64 11.07
CA ILE A 268 -17.28 0.80 11.90
C ILE A 268 -15.79 0.90 11.46
N LEU A 269 -15.53 1.07 10.19
CA LEU A 269 -14.08 1.28 9.80
C LEU A 269 -13.55 2.58 10.39
N MET A 270 -14.26 3.72 10.25
CA MET A 270 -13.78 5.00 10.74
C MET A 270 -13.63 4.98 12.25
N ASN A 271 -14.48 4.26 13.00
CA ASN A 271 -14.32 4.26 14.47
C ASN A 271 -13.03 3.53 14.78
N TYR A 272 -12.71 2.48 14.01
CA TYR A 272 -11.49 1.73 14.25
C TYR A 272 -10.23 2.49 13.85
N LEU A 273 -10.25 3.04 12.62
CA LEU A 273 -9.06 3.73 12.11
C LEU A 273 -8.70 4.98 12.93
N ASP A 274 -9.72 5.64 13.45
CA ASP A 274 -9.49 6.80 14.32
C ASP A 274 -8.57 6.52 15.50
N SER A 275 -8.48 5.30 15.98
CA SER A 275 -7.62 4.96 17.11
C SER A 275 -6.09 4.98 16.80
N PHE A 276 -5.74 5.03 15.52
CA PHE A 276 -4.35 5.01 15.13
C PHE A 276 -3.81 6.41 14.91
N ASP A 277 -2.49 6.58 15.04
CA ASP A 277 -1.91 7.92 14.86
C ASP A 277 -1.95 8.48 13.43
N VAL A 278 -1.65 7.64 12.41
CA VAL A 278 -1.72 8.05 10.99
C VAL A 278 -2.77 7.15 10.34
N GLY A 279 -3.74 7.74 9.68
CA GLY A 279 -4.81 6.92 9.11
C GLY A 279 -5.63 7.73 8.14
N PRO A 280 -6.26 7.05 7.17
CA PRO A 280 -7.05 7.74 6.19
C PRO A 280 -8.49 8.01 6.71
N VAL A 281 -9.11 8.99 6.09
CA VAL A 281 -10.59 9.31 6.37
C VAL A 281 -11.25 9.10 5.05
N PHE A 282 -12.34 8.32 5.06
CA PHE A 282 -13.00 7.97 3.81
C PHE A 282 -14.43 8.48 3.83
N SER A 283 -14.82 9.07 2.70
CA SER A 283 -16.23 9.37 2.44
C SER A 283 -17.04 8.11 2.07
N ASP A 284 -18.36 8.21 2.05
CA ASP A 284 -19.12 7.08 1.50
C ASP A 284 -18.62 6.69 0.08
N ALA A 285 -18.30 7.63 -0.81
CA ALA A 285 -17.90 7.34 -2.19
C ALA A 285 -16.55 6.59 -2.18
N GLU A 286 -15.69 6.96 -1.21
CA GLU A 286 -14.37 6.29 -1.12
C GLU A 286 -14.53 4.90 -0.53
N ILE A 287 -15.43 4.71 0.46
CA ILE A 287 -15.72 3.35 0.90
C ILE A 287 -16.30 2.51 -0.20
N SER A 288 -17.28 3.03 -0.98
CA SER A 288 -17.83 2.31 -2.08
C SER A 288 -16.67 1.93 -3.06
N HIS A 289 -15.84 2.88 -3.42
CA HIS A 289 -14.78 2.63 -4.40
C HIS A 289 -13.70 1.57 -3.94
N TYR A 290 -13.21 1.73 -2.73
CA TYR A 290 -12.13 0.89 -2.29
C TYR A 290 -12.59 -0.41 -1.67
N LEU A 291 -13.87 -0.56 -1.35
CA LEU A 291 -14.31 -1.76 -0.65
C LEU A 291 -15.38 -2.54 -1.36
N LEU A 292 -16.23 -1.96 -2.22
CA LEU A 292 -17.22 -2.85 -2.87
C LEU A 292 -16.56 -3.87 -3.78
N PRO A 293 -17.00 -5.10 -3.71
CA PRO A 293 -16.36 -6.16 -4.46
C PRO A 293 -16.20 -5.80 -5.92
N ARG A 294 -15.03 -6.05 -6.45
CA ARG A 294 -14.79 -5.98 -7.96
C ARG A 294 -14.07 -7.19 -8.43
N ASP A 295 -14.65 -7.91 -9.39
CA ASP A 295 -14.14 -9.17 -9.82
C ASP A 295 -12.64 -9.18 -10.12
N GLY A 296 -11.95 -10.09 -9.51
CA GLY A 296 -10.51 -10.20 -9.77
C GLY A 296 -9.59 -9.26 -8.99
N VAL A 297 -10.20 -8.29 -8.35
CA VAL A 297 -9.46 -7.08 -7.83
C VAL A 297 -9.63 -6.95 -6.29
N VAL A 298 -10.83 -6.76 -5.80
CA VAL A 298 -11.01 -6.51 -4.34
C VAL A 298 -12.26 -7.30 -3.89
N PHE A 299 -12.08 -7.93 -2.73
CA PHE A 299 -13.01 -8.92 -2.23
C PHE A 299 -13.34 -8.44 -0.86
N THR A 300 -14.64 -8.27 -0.54
CA THR A 300 -15.03 -7.70 0.78
C THR A 300 -16.23 -8.42 1.27
N TYR A 301 -16.14 -8.76 2.56
CA TYR A 301 -17.18 -9.57 3.28
C TYR A 301 -17.52 -8.85 4.56
N VAL A 302 -18.81 -8.88 4.92
CA VAL A 302 -19.28 -8.36 6.19
C VAL A 302 -19.84 -9.50 7.05
N VAL A 303 -19.78 -9.36 8.37
CA VAL A 303 -20.56 -10.20 9.27
C VAL A 303 -21.82 -9.36 9.59
N GLU A 304 -22.95 -9.88 9.19
CA GLU A 304 -24.23 -9.19 9.46
C GLU A 304 -25.08 -10.05 10.38
N ASN A 305 -25.46 -9.43 11.47
CA ASN A 305 -26.25 -10.02 12.59
C ASN A 305 -27.47 -9.13 12.74
N ASP A 306 -28.64 -9.72 12.53
CA ASP A 306 -29.93 -9.02 12.71
C ASP A 306 -29.98 -7.73 11.88
N LYS A 307 -29.53 -7.89 10.63
CA LYS A 307 -29.50 -6.85 9.68
C LYS A 307 -28.58 -5.66 10.06
N LYS A 308 -27.63 -5.87 10.98
CA LYS A 308 -26.63 -4.84 11.37
C LYS A 308 -25.26 -5.42 11.00
N VAL A 309 -24.44 -4.59 10.39
CA VAL A 309 -23.01 -4.96 10.10
C VAL A 309 -22.18 -4.77 11.32
N THR A 310 -21.57 -5.83 11.81
CA THR A 310 -20.85 -5.72 13.05
C THR A 310 -19.35 -5.92 12.81
N ASP A 311 -19.03 -6.54 11.70
CA ASP A 311 -17.55 -6.74 11.40
C ASP A 311 -17.45 -6.77 9.88
N PHE A 312 -16.20 -6.60 9.38
CA PHE A 312 -16.01 -6.85 7.96
C PHE A 312 -14.49 -7.06 7.71
N PHE A 313 -14.18 -7.70 6.60
CA PHE A 313 -12.75 -7.70 6.13
C PHE A 313 -12.73 -7.50 4.63
N SER A 314 -11.52 -7.10 4.14
CA SER A 314 -11.38 -6.99 2.68
C SER A 314 -9.96 -7.54 2.35
N PHE A 315 -9.78 -8.02 1.13
CA PHE A 315 -8.44 -8.29 0.63
C PHE A 315 -8.44 -7.97 -0.86
N TYR A 316 -7.25 -7.73 -1.41
CA TYR A 316 -7.19 -7.42 -2.86
C TYR A 316 -6.10 -8.32 -3.49
N ARG A 317 -6.19 -8.51 -4.83
CA ARG A 317 -5.36 -9.47 -5.54
C ARG A 317 -4.22 -8.72 -6.23
N ILE A 318 -3.02 -9.25 -6.03
CA ILE A 318 -1.90 -8.80 -6.85
C ILE A 318 -1.14 -10.05 -7.17
N PRO A 319 -1.26 -10.55 -8.40
CA PRO A 319 -0.37 -11.70 -8.73
C PRO A 319 1.05 -11.20 -8.99
N SER A 320 2.00 -12.10 -8.79
CA SER A 320 3.45 -11.79 -9.08
C SER A 320 3.96 -12.79 -10.09
N THR A 321 4.69 -12.28 -11.07
CA THR A 321 5.49 -13.13 -11.95
C THR A 321 6.53 -13.93 -11.17
N VAL A 322 6.59 -15.26 -11.41
CA VAL A 322 7.60 -16.05 -10.73
C VAL A 322 8.79 -16.15 -11.71
N ILE A 323 9.91 -15.58 -11.29
CA ILE A 323 10.96 -15.22 -12.25
C ILE A 323 11.77 -16.28 -13.02
N GLY A 324 12.21 -17.32 -12.34
CA GLY A 324 13.20 -18.25 -12.92
C GLY A 324 12.61 -19.64 -13.07
N ASN A 325 12.15 -20.22 -11.94
CA ASN A 325 11.20 -21.37 -11.94
C ASN A 325 10.35 -21.33 -13.26
N SER A 326 10.40 -22.42 -14.02
CA SER A 326 9.81 -22.54 -15.40
C SER A 326 8.31 -22.98 -15.44
N ASN A 327 8.05 -24.08 -14.69
CA ASN A 327 6.72 -24.68 -14.36
C ASN A 327 5.54 -23.72 -14.04
N TYR A 328 5.71 -23.01 -12.94
CA TYR A 328 4.77 -22.03 -12.42
C TYR A 328 5.37 -20.70 -12.77
N ASN A 329 4.64 -19.92 -13.54
CA ASN A 329 5.12 -18.58 -13.77
C ASN A 329 4.29 -17.47 -13.07
N LEU A 330 3.19 -17.79 -12.40
CA LEU A 330 2.46 -16.72 -11.62
C LEU A 330 2.10 -17.22 -10.24
N LEU A 331 2.21 -16.33 -9.23
CA LEU A 331 1.82 -16.60 -7.84
C LEU A 331 0.61 -15.67 -7.57
N ASN A 332 -0.50 -16.25 -7.16
CA ASN A 332 -1.72 -15.48 -7.02
C ASN A 332 -1.86 -15.10 -5.53
N ALA A 333 -1.54 -13.86 -5.22
CA ALA A 333 -1.48 -13.48 -3.79
C ALA A 333 -2.65 -12.56 -3.45
N ALA A 334 -3.20 -12.81 -2.26
CA ALA A 334 -4.25 -12.00 -1.63
C ALA A 334 -3.64 -11.16 -0.53
N TYR A 335 -3.86 -9.84 -0.52
CA TYR A 335 -3.25 -8.92 0.47
C TYR A 335 -4.37 -8.45 1.36
N VAL A 336 -4.06 -8.43 2.69
CA VAL A 336 -5.06 -8.06 3.71
C VAL A 336 -5.21 -6.54 3.48
N HIS A 337 -6.47 -6.06 3.41
CA HIS A 337 -6.79 -4.72 3.17
C HIS A 337 -7.34 -4.17 4.49
N TYR A 338 -8.40 -3.37 4.45
CA TYR A 338 -8.96 -2.87 5.73
C TYR A 338 -9.92 -3.87 6.29
N TYR A 339 -10.19 -3.69 7.60
CA TYR A 339 -11.12 -4.63 8.30
C TYR A 339 -11.56 -3.90 9.58
N ALA A 340 -12.63 -4.42 10.24
CA ALA A 340 -12.98 -3.93 11.59
C ALA A 340 -13.71 -5.08 12.24
N ALA A 341 -13.33 -5.33 13.49
CA ALA A 341 -13.97 -6.40 14.28
C ALA A 341 -14.63 -5.77 15.52
N THR A 342 -15.93 -6.03 15.68
CA THR A 342 -16.61 -5.57 16.98
C THR A 342 -17.29 -6.66 17.73
N SER A 343 -17.58 -7.79 17.08
CA SER A 343 -18.36 -8.89 17.69
C SER A 343 -17.54 -10.15 17.98
N ILE A 344 -16.34 -10.25 17.35
CA ILE A 344 -15.53 -11.46 17.45
C ILE A 344 -14.08 -11.08 17.51
N PRO A 345 -13.23 -11.97 18.08
CA PRO A 345 -11.81 -11.63 18.10
C PRO A 345 -11.31 -11.44 16.61
N LEU A 346 -10.34 -10.57 16.48
CA LEU A 346 -9.74 -10.36 15.15
C LEU A 346 -9.28 -11.66 14.49
N HIS A 347 -8.58 -12.54 15.21
CA HIS A 347 -8.19 -13.83 14.56
C HIS A 347 -9.28 -14.71 13.97
N GLN A 348 -10.49 -14.67 14.59
CA GLN A 348 -11.63 -15.36 14.06
C GLN A 348 -12.20 -14.74 12.77
N LEU A 349 -12.13 -13.43 12.71
CA LEU A 349 -12.57 -12.67 11.53
C LEU A 349 -11.60 -12.99 10.36
N ILE A 350 -10.29 -12.94 10.67
CA ILE A 350 -9.27 -13.12 9.59
C ILE A 350 -9.13 -14.56 9.18
N LEU A 351 -9.46 -15.53 10.05
CA LEU A 351 -9.52 -16.89 9.60
C LEU A 351 -10.49 -17.04 8.47
N ASP A 352 -11.62 -16.33 8.54
CA ASP A 352 -12.55 -16.36 7.44
C ASP A 352 -12.00 -15.73 6.11
N LEU A 353 -11.17 -14.70 6.27
CA LEU A 353 -10.45 -14.15 5.12
C LEU A 353 -9.58 -15.18 4.46
N LEU A 354 -8.83 -15.95 5.27
CA LEU A 354 -7.98 -16.99 4.69
C LEU A 354 -8.81 -18.10 4.00
N ILE A 355 -9.97 -18.49 4.64
CA ILE A 355 -10.83 -19.54 4.05
C ILE A 355 -11.34 -19.10 2.70
N VAL A 356 -11.86 -17.88 2.65
CA VAL A 356 -12.37 -17.30 1.39
C VAL A 356 -11.29 -17.21 0.32
N ALA A 357 -10.14 -16.65 0.70
CA ALA A 357 -9.06 -16.59 -0.29
C ALA A 357 -8.62 -17.92 -0.84
N HIS A 358 -8.48 -18.89 0.07
CA HIS A 358 -8.11 -20.20 -0.31
C HIS A 358 -9.17 -20.81 -1.30
N SER A 359 -10.45 -20.63 -0.96
CA SER A 359 -11.53 -21.19 -1.75
C SER A 359 -11.58 -20.52 -3.14
N ARG A 360 -11.15 -19.28 -3.21
CA ARG A 360 -11.12 -18.56 -4.48
C ARG A 360 -9.86 -18.77 -5.28
N GLY A 361 -8.97 -19.64 -4.82
CA GLY A 361 -7.83 -20.00 -5.64
C GLY A 361 -6.58 -19.23 -5.40
N PHE A 362 -6.49 -18.49 -4.29
CA PHE A 362 -5.21 -17.78 -3.98
C PHE A 362 -4.22 -18.70 -3.39
N ASP A 363 -2.94 -18.40 -3.66
CA ASP A 363 -1.86 -19.28 -3.26
C ASP A 363 -1.27 -18.90 -1.90
N VAL A 364 -1.37 -17.64 -1.51
CA VAL A 364 -0.75 -17.10 -0.32
C VAL A 364 -1.55 -15.84 0.03
N CYS A 365 -1.54 -15.51 1.32
CA CYS A 365 -2.06 -14.23 1.81
C CYS A 365 -0.86 -13.45 2.37
N ASN A 366 -0.75 -12.15 2.04
CA ASN A 366 0.39 -11.33 2.43
CA ASN A 366 0.38 -11.34 2.40
C ASN A 366 -0.14 -10.11 3.14
N MET A 367 0.68 -9.52 3.97
CA MET A 367 0.30 -8.25 4.67
C MET A 367 1.54 -7.65 5.25
N VAL A 368 1.44 -6.38 5.70
CA VAL A 368 2.48 -5.74 6.49
C VAL A 368 1.97 -5.61 7.94
N GLU A 369 2.84 -5.57 8.90
CA GLU A 369 2.42 -5.51 10.32
C GLU A 369 1.92 -4.15 10.76
N ILE A 370 1.05 -3.55 9.98
CA ILE A 370 0.37 -2.28 10.36
C ILE A 370 -1.00 -2.67 11.01
N LEU A 371 -1.83 -1.66 11.31
CA LEU A 371 -3.14 -1.92 11.90
C LEU A 371 -2.92 -2.84 13.17
N ASP A 372 -3.80 -3.85 13.37
CA ASP A 372 -3.62 -4.88 14.40
C ASP A 372 -3.20 -6.22 13.79
N ASN A 373 -2.46 -6.16 12.65
CA ASN A 373 -2.14 -7.37 11.93
C ASN A 373 -1.22 -8.32 12.77
N ARG A 374 -0.43 -7.76 13.69
CA ARG A 374 0.36 -8.63 14.58
C ARG A 374 -0.49 -9.53 15.46
N SER A 375 -1.73 -9.11 15.70
CA SER A 375 -2.53 -9.84 16.71
C SER A 375 -3.05 -11.15 16.18
N PHE A 376 -2.86 -11.49 14.88
CA PHE A 376 -3.30 -12.80 14.43
C PHE A 376 -2.18 -13.62 13.74
N VAL A 377 -0.96 -13.09 13.75
CA VAL A 377 0.16 -13.77 13.05
C VAL A 377 0.35 -15.17 13.52
N GLU A 378 0.57 -15.32 14.85
CA GLU A 378 0.86 -16.69 15.31
C GLU A 378 -0.31 -17.63 15.20
N GLN A 379 -1.49 -17.21 15.64
CA GLN A 379 -2.62 -18.17 15.60
C GLN A 379 -3.06 -18.60 14.19
N LEU A 380 -2.82 -17.71 13.22
CA LEU A 380 -3.18 -18.05 11.84
C LEU A 380 -1.97 -18.49 10.99
N LYS A 381 -0.83 -18.79 11.63
CA LYS A 381 0.35 -19.38 10.97
C LYS A 381 0.92 -18.51 9.84
N PHE A 382 0.93 -17.20 10.05
CA PHE A 382 1.72 -16.35 9.17
C PHE A 382 3.18 -16.47 9.58
N GLY A 383 4.05 -16.26 8.61
CA GLY A 383 5.49 -16.15 8.85
C GLY A 383 6.05 -14.91 8.24
N ALA A 384 7.09 -14.31 8.87
CA ALA A 384 7.73 -13.09 8.31
C ALA A 384 8.34 -13.38 6.95
N GLY A 385 8.20 -12.41 6.01
CA GLY A 385 8.84 -12.48 4.67
C GLY A 385 10.21 -11.74 4.82
N ASP A 386 10.81 -11.53 3.65
CA ASP A 386 12.13 -10.86 3.66
C ASP A 386 12.00 -9.39 3.40
N GLY A 387 10.81 -8.91 3.18
CA GLY A 387 10.59 -7.49 2.90
C GLY A 387 10.21 -6.67 4.12
N HIS A 388 10.48 -5.36 3.99
CA HIS A 388 10.05 -4.37 4.98
C HIS A 388 9.52 -3.18 4.25
N LEU A 389 8.32 -2.76 4.63
CA LEU A 389 7.69 -1.61 4.02
C LEU A 389 7.94 -0.37 4.86
N ARG A 390 8.54 0.63 4.25
CA ARG A 390 8.89 1.88 5.01
C ARG A 390 7.87 2.94 4.61
N TYR A 391 7.38 3.70 5.61
CA TYR A 391 6.39 4.76 5.39
C TYR A 391 7.11 6.10 5.46
N TYR A 392 6.75 7.00 4.53
CA TYR A 392 7.36 8.28 4.37
C TYR A 392 6.32 9.39 4.18
N PHE A 393 6.73 10.62 4.62
CA PHE A 393 6.05 11.79 4.19
C PHE A 393 7.06 12.68 3.42
N TYR A 394 6.48 13.44 2.51
CA TYR A 394 7.15 14.55 1.82
C TYR A 394 6.67 15.85 2.39
N ASN A 395 7.60 16.71 2.75
CA ASN A 395 7.32 18.01 3.38
C ASN A 395 6.44 17.94 4.66
N TRP A 396 6.79 17.00 5.52
CA TRP A 396 6.06 16.80 6.78
C TRP A 396 6.97 16.23 7.79
N ALA A 397 7.34 17.03 8.77
CA ALA A 397 8.04 16.51 9.94
C ALA A 397 7.17 15.65 10.78
N TYR A 398 7.65 14.48 11.15
CA TYR A 398 6.78 13.53 11.88
C TYR A 398 7.67 12.68 12.80
N PRO A 399 7.30 12.54 14.09
CA PRO A 399 8.10 11.63 14.93
C PRO A 399 8.06 10.18 14.46
N LYS A 400 9.06 9.39 14.88
CA LYS A 400 9.07 7.99 14.57
C LYS A 400 7.92 7.33 15.39
N ILE A 401 7.19 6.44 14.72
CA ILE A 401 6.10 5.69 15.37
C ILE A 401 6.22 4.23 14.99
N LYS A 402 5.61 3.37 15.77
CA LYS A 402 5.61 1.95 15.48
C LYS A 402 4.63 1.68 14.29
N PRO A 403 4.86 0.56 13.56
CA PRO A 403 3.91 0.33 12.43
C PRO A 403 2.50 0.00 12.91
N SER A 404 2.38 -0.45 14.15
CA SER A 404 1.05 -0.72 14.70
C SER A 404 0.31 0.62 15.08
N GLN A 405 0.91 1.79 14.88
CA GLN A 405 0.24 3.04 14.95
C GLN A 405 -0.13 3.62 13.55
N VAL A 406 0.03 2.78 12.49
CA VAL A 406 -0.24 3.18 11.12
C VAL A 406 -1.46 2.40 10.62
N ALA A 407 -2.40 3.16 10.05
CA ALA A 407 -3.64 2.60 9.56
C ALA A 407 -3.86 2.76 8.04
N LEU A 408 -2.85 3.26 7.35
CA LEU A 408 -2.98 3.49 5.91
C LEU A 408 -2.48 2.24 5.16
N VAL A 409 -3.33 1.60 4.37
CA VAL A 409 -2.91 0.45 3.56
C VAL A 409 -2.58 1.03 2.20
N MET A 410 -1.36 0.78 1.64
CA MET A 410 -1.09 1.28 0.29
C MET A 410 -1.07 0.07 -0.66
N LEU A 411 -1.69 0.29 -1.80
CA LEU A 411 -1.92 -0.81 -2.79
C LEU A 411 -0.65 -1.09 -3.60
S1 MYA B . 8.21 2.65 -4.26
C2 MYA B . 8.38 1.51 -5.69
C3 MYA B . 9.45 2.14 -6.57
N4 MYA B . 9.58 1.31 -7.81
C5 MYA B . 10.40 0.31 -7.91
O5 MYA B . 11.21 -0.15 -7.06
C6 MYA B . 10.33 -0.39 -9.28
C7 MYA B . 11.71 -0.93 -9.81
N8 MYA B . 12.74 0.08 -9.79
C9 MYA B . 12.69 1.17 -10.57
O9 MYA B . 11.80 1.37 -11.38
C10 MYA B . 13.78 2.15 -10.38
O10 MYA B . 14.93 1.52 -9.87
C11 MYA B . 13.42 3.45 -9.63
C12 MYA B . 14.70 4.28 -9.48
C13 MYA B . 12.87 3.13 -8.21
C14 MYA B . 12.34 4.25 -10.36
N1A MYA B . 11.65 6.14 -4.19
O1A MYA B . 16.75 7.39 -11.91
P1A MYA B . 17.73 7.00 -10.92
C1X MYA B . 16.38 7.56 -5.62
C2A MYA B . 12.17 7.36 -4.22
O2A MYA B . 19.24 7.12 -11.29
P2A MYA B . 16.74 4.32 -11.02
C2M MYA B . 7.15 3.85 -4.86
O2M MYA B . 6.53 3.74 -5.91
C2X MYA B . 17.80 7.15 -5.22
O2X MYA B . 17.98 7.17 -3.82
N3A MYA B . 13.44 7.55 -4.59
O3A MYA B . 17.54 5.49 -10.32
C3M MYA B . 7.02 5.19 -4.11
C3X MYA B . 18.52 8.27 -6.01
O3X MYA B . 18.46 9.52 -5.32
P3X MYA B . 19.75 10.01 -4.49
C4A MYA B . 14.18 6.48 -4.98
O4A MYA B . 17.17 3.12 -10.24
C4M MYA B . 7.82 6.26 -4.81
C4X MYA B . 17.76 8.46 -7.26
O4X MYA B . 16.46 7.81 -7.00
C5A MYA B . 13.66 5.19 -4.96
O5A MYA B . 16.83 4.40 -12.46
C5M MYA B . 8.01 7.49 -3.90
C5X MYA B . 18.32 7.63 -8.35
O5X MYA B . 17.61 7.81 -9.57
C6A MYA B . 12.31 5.02 -4.55
N6A MYA B . 11.62 3.87 -4.45
O6A MYA B . 15.15 4.65 -10.72
C6M MYA B . 8.72 8.56 -4.74
N7A MYA B . 14.60 4.35 -5.40
O7A MYA B . 20.06 8.90 -3.46
C7M MYA B . 8.91 9.86 -3.97
C8A MYA B . 15.68 5.08 -5.67
O8A MYA B . 20.89 10.21 -5.53
C8M MYA B . 7.62 10.68 -3.99
N9A MYA B . 15.45 6.39 -5.43
O9A MYA B . 19.38 11.24 -3.68
C9M MYA B . 7.87 12.01 -3.24
CAM MYA B . 6.60 12.88 -3.10
CBM MYA B . 6.25 13.50 -4.40
CCM MYA B . 4.96 14.35 -4.38
CDM MYA B . 5.11 15.60 -3.46
CEM MYA B . 3.75 16.42 -3.55
CFM MYA B . 3.77 17.54 -2.45
C1 GOL C . -4.95 3.67 -0.68
O1 GOL C . -3.94 4.04 0.29
C2 GOL C . -6.23 3.91 0.15
O2 GOL C . -6.18 2.96 1.16
C3 GOL C . -6.06 5.18 0.94
O3 GOL C . -5.84 6.23 0.08
C4 F5Q D . 6.99 -10.96 -3.04
C14 F5Q D . 8.45 -6.47 -0.85
C5 F5Q D . 7.05 -11.88 -1.96
C6 F5Q D . 6.05 -12.85 -1.87
C11 F5Q D . 7.91 -9.12 0.02
C7 F5Q D . 7.37 -14.35 -0.40
C8 F5Q D . 7.10 -15.82 0.03
C9 F5Q D . 5.56 -15.92 0.08
C10 F5Q D . 5.06 -14.92 -0.94
C12 F5Q D . 6.87 -8.22 -0.27
C13 F5Q D . 7.14 -6.96 -0.78
N1 F5Q D . 6.04 -13.81 -0.85
N2 F5Q D . 7.99 -11.71 -0.87
C3 F5Q D . 5.97 -11.08 -4.04
N3 F5Q D . 3.67 -0.08 -2.70
O2 F5Q D . 6.26 -10.75 0.82
S F5Q D . 7.67 -10.68 0.43
O1 F5Q D . 8.56 -11.11 1.56
C27 F5Q D . 7.95 -9.92 -3.24
C28 F5Q D . 7.92 -9.12 -4.32
C29 F5Q D . 6.89 -9.27 -5.26
N4 F5Q D . 5.96 -10.27 -5.08
C2 F5Q D . 5.00 -12.08 -3.93
C1 F5Q D . 5.03 -12.94 -2.85
C16 F5Q D . 9.25 -8.68 -0.16
C15 F5Q D . 9.47 -7.37 -0.59
C17 F5Q D . 8.92 -5.03 -1.28
C18 F5Q D . 7.93 -3.88 -1.13
C19 F5Q D . 7.22 -3.55 -2.41
C20 F5Q D . 7.39 -2.08 -2.59
C21 F5Q D . 6.29 -1.18 -2.08
C25 F5Q D . 5.97 -0.42 -3.35
C24 F5Q D . 4.94 0.65 -2.97
C26 F5Q D . 2.70 1.03 -2.36
C23 F5Q D . 3.73 -1.18 -1.76
C22 F5Q D . 5.01 -1.98 -1.89
#